data_6PBH
#
_entry.id   6PBH
#
_cell.length_a   59.750
_cell.length_b   79.004
_cell.length_c   112.651
_cell.angle_alpha   90.000
_cell.angle_beta   90.000
_cell.angle_gamma   90.000
#
_symmetry.space_group_name_H-M   'P 21 21 21'
#
loop_
_entity.id
_entity.type
_entity.pdbx_description
1 polymer 'HLA class I histocompatibility antigen, A-68 alpha chain'
2 polymer Beta-2-microglobulin
3 polymer 'influenza A NP145-156 peptide'
4 non-polymer 'IODIDE ION'
5 non-polymer 'MAGNESIUM ION'
6 non-polymer 'SULFATE ION'
7 water water
#
loop_
_entity_poly.entity_id
_entity_poly.type
_entity_poly.pdbx_seq_one_letter_code
_entity_poly.pdbx_strand_id
1 'polypeptide(L)'
;MGSHSMRYFYTSVSRPGRGEPRFIAVGYVDDTQFVRFDSDAASQRMEPRAPWIEQEGPEYWDRNTRNVKAQSQTDRVDLG
TLRGYYNQSEAGSHTIQMMYGCDVGSDGRFLRGYRQDAYDGKDYIALKEDLRSWTAADMAAQTTKHKWEAAHVAEQWRAY
LEGTCVEWLRRYLENGKETLQRTDAPKTHMTHHAVSDHEATLRCWALSFYPAEITLTWQRDGEDQTQDTELVETRPAGDG
TFQKWVAVVVPSGQEQRYTCHVQHEGLPKPLTLRWEPSS
;
A
2 'polypeptide(L)'
;IQRTPKIQVYSRHPAENGKSNFLNCYVSGFHPSDIEVDLLKNGERIEKVEHSDLSFSKDWSFYLLYYTEFTPTEKDEYAC
RVNHVTLSQPKIVKWDRDM
;
B
3 'polypeptide(L)' DATYQRTRALVR C
#
loop_
_chem_comp.id
_chem_comp.type
_chem_comp.name
_chem_comp.formula
IOD non-polymer 'IODIDE ION' 'I -1'
MG non-polymer 'MAGNESIUM ION' 'Mg 2'
SO4 non-polymer 'SULFATE ION' 'O4 S -2'
#
# COMPACT_ATOMS: atom_id res chain seq x y z
N GLY A 2 -18.21 -2.23 8.67
CA GLY A 2 -18.49 -3.62 8.98
C GLY A 2 -17.33 -4.27 9.71
N SER A 3 -16.59 -5.13 9.02
CA SER A 3 -15.40 -5.79 9.55
C SER A 3 -14.21 -4.83 9.46
N HIS A 4 -13.20 -5.02 10.33
CA HIS A 4 -12.04 -4.15 10.40
C HIS A 4 -10.78 -4.95 10.58
N SER A 5 -9.65 -4.33 10.27
CA SER A 5 -8.38 -5.01 10.40
C SER A 5 -7.33 -4.09 10.95
N MET A 6 -6.33 -4.66 11.60
CA MET A 6 -5.13 -3.99 12.02
C MET A 6 -3.97 -4.77 11.41
N ARG A 7 -3.03 -4.07 10.76
CA ARG A 7 -1.89 -4.74 10.14
C ARG A 7 -0.60 -3.97 10.38
N TYR A 8 0.51 -4.70 10.66
CA TYR A 8 1.84 -4.12 10.75
C TYR A 8 2.64 -4.69 9.60
N PHE A 9 3.47 -3.83 8.96
CA PHE A 9 4.31 -4.22 7.82
C PHE A 9 5.75 -3.86 8.19
N TYR A 10 6.65 -4.85 8.23
CA TYR A 10 8.05 -4.59 8.58
C TYR A 10 8.88 -4.89 7.38
N THR A 11 9.88 -4.07 7.09
CA THR A 11 10.83 -4.35 5.97
C THR A 11 12.22 -4.05 6.50
N SER A 12 13.18 -5.01 6.37
CA SER A 12 14.61 -4.82 6.69
C SER A 12 15.39 -5.08 5.45
N VAL A 13 16.33 -4.18 5.12
CA VAL A 13 17.12 -4.28 3.89
C VAL A 13 18.58 -4.16 4.27
N SER A 14 19.38 -5.20 4.01
CA SER A 14 20.80 -5.15 4.39
C SER A 14 21.58 -4.12 3.54
N ARG A 15 22.67 -3.55 4.15
CA ARG A 15 23.53 -2.52 3.57
C ARG A 15 24.93 -3.09 3.64
N PRO A 16 25.30 -3.94 2.67
CA PRO A 16 26.64 -4.59 2.71
C PRO A 16 27.84 -3.63 2.61
N GLY A 17 27.64 -2.46 2.04
CA GLY A 17 28.71 -1.46 1.88
C GLY A 17 29.15 -0.85 3.21
N ARG A 18 28.19 -0.52 4.08
CA ARG A 18 28.51 0.11 5.35
C ARG A 18 27.29 0.12 6.23
N GLY A 19 27.50 -0.23 7.50
CA GLY A 19 26.48 -0.12 8.54
C GLY A 19 25.48 -1.25 8.68
N GLU A 20 24.41 -0.94 9.44
CA GLU A 20 23.31 -1.79 9.86
C GLU A 20 22.22 -1.77 8.77
N PRO A 21 21.31 -2.76 8.75
CA PRO A 21 20.21 -2.73 7.77
C PRO A 21 19.29 -1.54 7.95
N ARG A 22 18.62 -1.14 6.88
CA ARG A 22 17.60 -0.09 6.96
C ARG A 22 16.33 -0.83 7.41
N PHE A 23 15.68 -0.38 8.49
CA PHE A 23 14.46 -1.00 8.99
C PHE A 23 13.31 -0.01 8.94
N ILE A 24 12.16 -0.40 8.33
CA ILE A 24 10.96 0.42 8.26
C ILE A 24 9.76 -0.37 8.76
N ALA A 25 8.96 0.24 9.64
CA ALA A 25 7.74 -0.39 10.13
C ALA A 25 6.60 0.58 9.95
N VAL A 26 5.44 0.08 9.49
CA VAL A 26 4.21 0.88 9.35
C VAL A 26 3.07 0.09 9.92
N GLY A 27 2.15 0.77 10.59
CA GLY A 27 0.94 0.17 11.14
C GLY A 27 -0.27 0.78 10.48
N TYR A 28 -1.28 -0.04 10.20
CA TYR A 28 -2.53 0.40 9.58
C TYR A 28 -3.71 -0.10 10.34
N VAL A 29 -4.77 0.69 10.33
CA VAL A 29 -6.10 0.27 10.77
C VAL A 29 -6.90 0.40 9.45
N ASP A 30 -7.41 -0.72 8.91
CA ASP A 30 -8.05 -0.73 7.58
C ASP A 30 -7.06 -0.10 6.57
N ASP A 31 -7.49 0.94 5.81
CA ASP A 31 -6.63 1.65 4.86
C ASP A 31 -5.97 2.88 5.42
N THR A 32 -5.96 3.05 6.76
CA THR A 32 -5.38 4.22 7.38
C THR A 32 -4.06 3.90 8.07
N GLN A 33 -2.97 4.55 7.64
CA GLN A 33 -1.68 4.38 8.32
C GLN A 33 -1.79 5.16 9.66
N PHE A 34 -1.34 4.58 10.77
CA PHE A 34 -1.47 5.35 12.02
C PHE A 34 -0.15 5.52 12.79
N VAL A 35 0.88 4.69 12.49
CA VAL A 35 2.20 4.75 13.14
C VAL A 35 3.29 4.40 12.12
N ARG A 36 4.50 4.83 12.38
CA ARG A 36 5.65 4.48 11.54
C ARG A 36 6.91 4.46 12.41
N PHE A 37 7.92 3.71 11.93
CA PHE A 37 9.23 3.71 12.52
C PHE A 37 10.18 3.61 11.34
N ASP A 38 11.18 4.46 11.31
CA ASP A 38 12.17 4.36 10.24
C ASP A 38 13.53 4.50 10.88
N SER A 39 14.40 3.47 10.78
CA SER A 39 15.75 3.50 11.37
C SER A 39 16.59 4.68 10.83
N ASP A 40 16.27 5.22 9.63
CA ASP A 40 17.00 6.40 9.10
C ASP A 40 16.43 7.73 9.63
N ALA A 41 15.30 7.72 10.32
CA ALA A 41 14.72 8.97 10.84
C ALA A 41 15.44 9.41 12.14
N ALA A 42 15.36 10.72 12.47
CA ALA A 42 16.02 11.32 13.64
C ALA A 42 15.50 10.87 14.99
N SER A 43 14.18 10.74 15.16
CA SER A 43 13.60 10.42 16.47
C SER A 43 14.04 9.09 17.05
N GLN A 44 14.24 8.02 16.22
CA GLN A 44 14.53 6.66 16.72
C GLN A 44 13.39 6.19 17.61
N ARG A 45 12.16 6.66 17.30
CA ARG A 45 10.97 6.30 18.06
C ARG A 45 9.87 5.89 17.08
N MET A 46 8.91 5.11 17.55
CA MET A 46 7.66 4.85 16.82
C MET A 46 6.94 6.22 16.87
N GLU A 47 6.48 6.73 15.70
CA GLU A 47 5.84 8.06 15.59
C GLU A 47 4.36 7.98 15.21
N PRO A 48 3.52 8.89 15.72
CA PRO A 48 2.10 8.89 15.33
C PRO A 48 1.91 9.41 13.90
N ARG A 49 0.94 8.88 13.17
CA ARG A 49 0.65 9.27 11.79
C ARG A 49 -0.85 9.52 11.55
N ALA A 50 -1.66 9.43 12.60
CA ALA A 50 -3.10 9.68 12.58
C ALA A 50 -3.40 10.52 13.83
N PRO A 51 -4.39 11.43 13.80
CA PRO A 51 -4.62 12.26 15.00
C PRO A 51 -5.13 11.48 16.21
N TRP A 52 -5.91 10.41 15.98
CA TRP A 52 -6.52 9.63 17.07
C TRP A 52 -5.55 8.76 17.90
N ILE A 53 -4.32 8.57 17.42
CA ILE A 53 -3.32 7.80 18.17
C ILE A 53 -2.47 8.74 19.06
N GLU A 54 -2.39 10.04 18.69
CA GLU A 54 -1.54 11.04 19.36
C GLU A 54 -1.83 11.14 20.86
N GLN A 55 -3.06 10.80 21.26
CA GLN A 55 -3.52 10.80 22.64
C GLN A 55 -2.88 9.72 23.53
N GLU A 56 -2.32 8.64 22.94
CA GLU A 56 -1.71 7.55 23.70
C GLU A 56 -0.57 8.05 24.60
N GLY A 57 -0.51 7.52 25.81
CA GLY A 57 0.46 7.91 26.84
C GLY A 57 1.92 7.65 26.49
N PRO A 58 2.87 8.20 27.28
CA PRO A 58 4.30 7.97 26.99
C PRO A 58 4.73 6.50 27.07
N GLU A 59 4.02 5.69 27.89
CA GLU A 59 4.32 4.26 28.05
C GLU A 59 4.01 3.49 26.76
N TYR A 60 2.94 3.89 26.04
CA TYR A 60 2.55 3.24 24.77
C TYR A 60 3.70 3.42 23.78
N TRP A 61 4.21 4.66 23.66
CA TRP A 61 5.29 5.04 22.76
C TRP A 61 6.59 4.39 23.12
N ASP A 62 6.88 4.23 24.43
CA ASP A 62 8.10 3.54 24.88
C ASP A 62 8.04 2.05 24.53
N ARG A 63 6.90 1.38 24.80
CA ARG A 63 6.71 -0.05 24.54
C ARG A 63 6.80 -0.32 23.03
N ASN A 64 6.09 0.47 22.20
CA ASN A 64 6.09 0.29 20.75
C ASN A 64 7.46 0.51 20.17
N THR A 65 8.20 1.50 20.71
CA THR A 65 9.56 1.75 20.28
C THR A 65 10.50 0.59 20.60
N ARG A 66 10.46 0.08 21.84
CA ARG A 66 11.30 -1.06 22.25
C ARG A 66 11.01 -2.27 21.37
N ASN A 67 9.71 -2.54 21.11
CA ASN A 67 9.26 -3.69 20.31
C ASN A 67 9.80 -3.65 18.89
N VAL A 68 9.64 -2.50 18.17
CA VAL A 68 10.17 -2.42 16.79
C VAL A 68 11.68 -2.35 16.76
N LYS A 69 12.31 -1.72 17.78
CA LYS A 69 13.81 -1.72 17.77
C LYS A 69 14.31 -3.16 17.99
N ALA A 70 13.65 -3.95 18.88
CA ALA A 70 13.98 -5.36 19.13
C ALA A 70 13.85 -6.18 17.82
N GLN A 71 12.74 -5.99 17.08
CA GLN A 71 12.53 -6.69 15.80
C GLN A 71 13.59 -6.31 14.78
N SER A 72 14.00 -5.03 14.76
CA SER A 72 15.03 -4.59 13.79
C SER A 72 16.35 -5.31 14.04
N GLN A 73 16.67 -5.58 15.31
CA GLN A 73 17.89 -6.32 15.68
C GLN A 73 17.73 -7.79 15.35
N THR A 74 16.53 -8.35 15.56
CA THR A 74 16.26 -9.77 15.23
C THR A 74 16.40 -9.96 13.70
N ASP A 75 15.87 -9.02 12.92
CA ASP A 75 15.98 -9.01 11.45
C ASP A 75 17.44 -8.93 10.99
N ARG A 76 18.26 -8.11 11.67
CA ARG A 76 19.68 -7.99 11.34
C ARG A 76 20.38 -9.35 11.55
N VAL A 77 20.09 -10.02 12.67
CA VAL A 77 20.68 -11.35 12.95
C VAL A 77 20.17 -12.30 11.87
N ASP A 78 18.84 -12.28 11.61
CA ASP A 78 18.22 -13.19 10.64
C ASP A 78 18.77 -13.01 9.22
N LEU A 79 19.11 -11.76 8.83
CA LEU A 79 19.68 -11.53 7.50
C LEU A 79 21.01 -12.30 7.35
N GLY A 80 21.79 -12.35 8.42
CA GLY A 80 23.05 -13.09 8.48
C GLY A 80 22.80 -14.58 8.42
N THR A 81 21.84 -15.08 9.24
CA THR A 81 21.48 -16.51 9.28
C THR A 81 20.98 -16.97 7.90
N LEU A 82 20.10 -16.19 7.25
CA LEU A 82 19.49 -16.55 5.97
C LEU A 82 20.48 -16.50 4.82
N ARG A 83 21.48 -15.61 4.90
CA ARG A 83 22.55 -15.51 3.91
C ARG A 83 23.30 -16.87 3.91
N GLY A 84 23.52 -17.44 5.10
CA GLY A 84 24.14 -18.75 5.28
C GLY A 84 23.28 -19.87 4.74
N TYR A 85 21.96 -19.87 5.07
CA TYR A 85 20.98 -20.88 4.59
C TYR A 85 20.94 -20.96 3.10
N TYR A 86 20.95 -19.81 2.40
CA TYR A 86 20.89 -19.72 0.95
C TYR A 86 22.25 -19.69 0.27
N ASN A 87 23.32 -19.89 1.04
CA ASN A 87 24.69 -19.88 0.54
C ASN A 87 24.98 -18.62 -0.28
N GLN A 88 24.57 -17.46 0.24
CA GLN A 88 24.80 -16.21 -0.47
C GLN A 88 26.06 -15.49 0.02
N SER A 89 26.60 -14.65 -0.86
CA SER A 89 27.78 -13.81 -0.63
C SER A 89 27.46 -12.68 0.37
N GLU A 90 28.50 -12.06 0.96
CA GLU A 90 28.30 -10.95 1.88
C GLU A 90 28.22 -9.62 1.12
N ALA A 91 28.40 -9.62 -0.22
CA ALA A 91 28.40 -8.44 -1.06
C ALA A 91 27.03 -7.91 -1.52
N GLY A 92 26.01 -8.74 -1.59
CA GLY A 92 24.70 -8.30 -2.07
C GLY A 92 23.75 -7.83 -0.98
N SER A 93 22.76 -7.03 -1.37
CA SER A 93 21.72 -6.51 -0.47
C SER A 93 20.57 -7.51 -0.48
N HIS A 94 20.03 -7.83 0.70
CA HIS A 94 18.90 -8.77 0.83
C HIS A 94 17.82 -8.17 1.69
N THR A 95 16.60 -8.69 1.59
CA THR A 95 15.41 -8.13 2.27
C THR A 95 14.67 -9.18 3.06
N ILE A 96 14.20 -8.79 4.26
CA ILE A 96 13.25 -9.59 5.04
C ILE A 96 12.02 -8.69 5.20
N GLN A 97 10.86 -9.23 4.90
CA GLN A 97 9.57 -8.53 5.08
C GLN A 97 8.67 -9.38 5.94
N MET A 98 7.84 -8.74 6.77
CA MET A 98 6.90 -9.49 7.58
C MET A 98 5.65 -8.68 7.71
N MET A 99 4.51 -9.33 7.62
CA MET A 99 3.21 -8.72 7.82
C MET A 99 2.44 -9.58 8.83
N TYR A 100 1.74 -8.90 9.74
CA TYR A 100 0.93 -9.59 10.73
C TYR A 100 -0.24 -8.72 11.14
N GLY A 101 -1.28 -9.34 11.66
CA GLY A 101 -2.44 -8.57 12.06
C GLY A 101 -3.65 -9.41 12.35
N CYS A 102 -4.78 -8.73 12.60
CA CYS A 102 -6.02 -9.44 12.92
C CYS A 102 -7.17 -8.70 12.32
N ASP A 103 -8.30 -9.41 12.17
CA ASP A 103 -9.57 -8.89 11.63
C ASP A 103 -10.60 -9.15 12.70
N VAL A 104 -11.50 -8.21 12.86
CA VAL A 104 -12.64 -8.26 13.80
C VAL A 104 -13.89 -7.98 13.01
N GLY A 105 -15.02 -8.52 13.47
CA GLY A 105 -16.30 -8.30 12.83
C GLY A 105 -16.95 -7.02 13.32
N SER A 106 -18.17 -6.73 12.80
CA SER A 106 -19.02 -5.58 13.16
C SER A 106 -19.25 -5.46 14.67
N ASP A 107 -19.31 -6.60 15.39
CA ASP A 107 -19.52 -6.67 16.84
C ASP A 107 -18.21 -6.61 17.65
N GLY A 108 -17.07 -6.56 16.96
CA GLY A 108 -15.77 -6.49 17.63
C GLY A 108 -15.13 -7.82 17.97
N ARG A 109 -15.75 -8.93 17.55
CA ARG A 109 -15.19 -10.26 17.81
C ARG A 109 -14.12 -10.64 16.80
N PHE A 110 -13.12 -11.41 17.26
CA PHE A 110 -12.01 -11.93 16.46
C PHE A 110 -12.51 -12.77 15.30
N LEU A 111 -12.00 -12.50 14.09
CA LEU A 111 -12.37 -13.28 12.92
C LEU A 111 -11.21 -14.14 12.43
N ARG A 112 -10.03 -13.49 12.23
CA ARG A 112 -8.84 -14.09 11.63
C ARG A 112 -7.59 -13.40 12.15
N GLY A 113 -6.51 -14.16 12.19
CA GLY A 113 -5.19 -13.69 12.53
C GLY A 113 -4.20 -14.15 11.48
N TYR A 114 -3.12 -13.41 11.27
CA TYR A 114 -2.11 -13.80 10.29
C TYR A 114 -0.76 -13.25 10.67
N ARG A 115 0.29 -13.99 10.30
CA ARG A 115 1.68 -13.63 10.52
C ARG A 115 2.52 -14.37 9.51
N GLN A 116 2.96 -13.65 8.49
CA GLN A 116 3.73 -14.28 7.43
C GLN A 116 4.94 -13.48 7.12
N ASP A 117 6.01 -14.16 6.61
CA ASP A 117 7.22 -13.42 6.29
C ASP A 117 7.83 -13.88 4.97
N ALA A 118 8.79 -13.12 4.48
CA ALA A 118 9.38 -13.41 3.18
C ALA A 118 10.83 -13.02 3.15
N TYR A 119 11.64 -13.74 2.35
CA TYR A 119 13.05 -13.39 2.18
C TYR A 119 13.24 -13.10 0.69
N ASP A 120 13.86 -11.95 0.34
CA ASP A 120 14.03 -11.50 -1.06
C ASP A 120 12.74 -11.59 -1.87
N GLY A 121 11.64 -11.22 -1.23
CA GLY A 121 10.32 -11.11 -1.83
C GLY A 121 9.60 -12.41 -2.08
N LYS A 122 10.06 -13.52 -1.49
CA LYS A 122 9.42 -14.83 -1.66
C LYS A 122 9.03 -15.32 -0.31
N ASP A 123 7.86 -15.97 -0.23
CA ASP A 123 7.38 -16.55 1.03
C ASP A 123 8.49 -17.36 1.69
N TYR A 124 8.62 -17.18 3.01
CA TYR A 124 9.60 -17.93 3.79
C TYR A 124 8.79 -18.79 4.80
N ILE A 125 8.26 -18.17 5.85
CA ILE A 125 7.47 -18.92 6.84
C ILE A 125 6.19 -18.14 7.21
N ALA A 126 5.05 -18.85 7.28
CA ALA A 126 3.79 -18.25 7.59
C ALA A 126 3.06 -19.10 8.64
N LEU A 127 2.38 -18.42 9.56
CA LEU A 127 1.53 -19.08 10.56
C LEU A 127 0.29 -19.51 9.78
N LYS A 128 -0.15 -20.75 9.96
CA LYS A 128 -1.37 -21.21 9.28
C LYS A 128 -2.60 -20.56 9.92
N GLU A 129 -3.76 -20.62 9.23
CA GLU A 129 -5.03 -20.04 9.69
C GLU A 129 -5.42 -20.51 11.09
N ASP A 130 -5.04 -21.76 11.48
CA ASP A 130 -5.32 -22.33 12.81
C ASP A 130 -4.55 -21.60 13.93
N LEU A 131 -3.50 -20.84 13.56
CA LEU A 131 -2.59 -20.13 14.47
C LEU A 131 -1.84 -21.12 15.39
N ARG A 132 -1.67 -22.36 14.91
CA ARG A 132 -0.99 -23.41 15.66
C ARG A 132 0.24 -23.97 14.97
N SER A 133 0.25 -23.93 13.67
CA SER A 133 1.36 -24.54 12.93
C SER A 133 1.89 -23.60 11.83
N TRP A 134 3.04 -23.98 11.28
CA TRP A 134 3.78 -23.19 10.30
C TRP A 134 3.82 -23.80 8.91
N THR A 135 3.81 -22.94 7.88
CA THR A 135 3.95 -23.36 6.48
C THR A 135 5.36 -22.88 6.10
N ALA A 136 6.27 -23.79 5.76
CA ALA A 136 7.64 -23.44 5.36
C ALA A 136 7.71 -23.61 3.85
N ALA A 137 8.11 -22.57 3.11
CA ALA A 137 8.09 -22.63 1.64
C ALA A 137 9.20 -23.46 0.99
N ASP A 138 10.31 -23.60 1.68
CA ASP A 138 11.47 -24.32 1.19
C ASP A 138 12.26 -24.94 2.35
N MET A 139 13.39 -25.57 2.05
CA MET A 139 14.20 -26.27 3.05
C MET A 139 14.89 -25.30 4.06
N ALA A 140 15.17 -24.05 3.65
CA ALA A 140 15.73 -23.07 4.60
C ALA A 140 14.63 -22.72 5.63
N ALA A 141 13.39 -22.42 5.16
CA ALA A 141 12.26 -22.17 6.06
C ALA A 141 11.93 -23.38 6.92
N GLN A 142 12.19 -24.62 6.39
CA GLN A 142 11.93 -25.84 7.15
C GLN A 142 12.85 -25.94 8.38
N THR A 143 14.09 -25.50 8.25
CA THR A 143 15.08 -25.41 9.34
C THR A 143 14.51 -24.49 10.44
N THR A 144 13.97 -23.31 10.05
CA THR A 144 13.33 -22.37 10.98
C THR A 144 12.10 -23.01 11.64
N LYS A 145 11.22 -23.64 10.84
CA LYS A 145 10.03 -24.29 11.36
C LYS A 145 10.38 -25.32 12.46
N HIS A 146 11.42 -26.17 12.24
CA HIS A 146 11.81 -27.17 13.27
C HIS A 146 12.25 -26.52 14.57
N LYS A 147 13.00 -25.41 14.50
CA LYS A 147 13.39 -24.67 15.70
C LYS A 147 12.19 -24.03 16.38
N TRP A 148 11.28 -23.43 15.60
CA TRP A 148 10.12 -22.71 16.19
C TRP A 148 9.07 -23.65 16.77
N GLU A 149 8.93 -24.85 16.18
CA GLU A 149 7.94 -25.85 16.65
C GLU A 149 8.30 -26.29 18.06
N ALA A 150 9.60 -26.36 18.35
CA ALA A 150 10.13 -26.72 19.65
C ALA A 150 10.06 -25.60 20.70
N ALA A 151 9.97 -24.32 20.26
CA ALA A 151 10.04 -23.15 21.13
C ALA A 151 8.72 -22.35 21.38
N HIS A 152 7.51 -22.95 21.25
CA HIS A 152 6.21 -22.27 21.59
C HIS A 152 5.98 -20.94 20.84
N VAL A 153 6.63 -20.77 19.68
CA VAL A 153 6.51 -19.51 18.90
C VAL A 153 5.07 -19.28 18.44
N ALA A 154 4.44 -20.29 17.82
CA ALA A 154 3.04 -20.15 17.36
C ALA A 154 2.07 -19.86 18.51
N GLU A 155 2.27 -20.47 19.69
CA GLU A 155 1.45 -20.17 20.89
C GLU A 155 1.49 -18.72 21.26
N GLN A 156 2.68 -18.11 21.23
CA GLN A 156 2.87 -16.70 21.57
C GLN A 156 2.22 -15.81 20.52
N TRP A 157 2.32 -16.17 19.22
CA TRP A 157 1.63 -15.42 18.18
C TRP A 157 0.11 -15.56 18.31
N ARG A 158 -0.39 -16.78 18.60
CA ARG A 158 -1.83 -17.00 18.81
C ARG A 158 -2.38 -16.14 19.97
N ALA A 159 -1.65 -16.07 21.10
CA ALA A 159 -2.04 -15.26 22.27
C ALA A 159 -2.11 -13.77 21.90
N TYR A 160 -1.11 -13.32 21.14
CA TYR A 160 -1.12 -11.90 20.71
C TYR A 160 -2.28 -11.62 19.71
N LEU A 161 -2.41 -12.45 18.67
CA LEU A 161 -3.41 -12.17 17.62
C LEU A 161 -4.86 -12.27 18.08
N GLU A 162 -5.13 -13.15 19.05
CA GLU A 162 -6.48 -13.32 19.58
C GLU A 162 -6.76 -12.43 20.77
N GLY A 163 -5.72 -11.86 21.40
CA GLY A 163 -5.87 -11.02 22.56
C GLY A 163 -5.47 -9.58 22.34
N THR A 164 -4.20 -9.26 22.61
CA THR A 164 -3.64 -7.94 22.47
C THR A 164 -4.06 -7.27 21.16
N CYS A 165 -3.89 -7.97 20.02
CA CYS A 165 -4.18 -7.39 18.71
C CYS A 165 -5.62 -6.91 18.58
N VAL A 166 -6.58 -7.75 18.94
CA VAL A 166 -7.99 -7.40 18.82
C VAL A 166 -8.41 -6.34 19.86
N GLU A 167 -7.83 -6.37 21.08
CA GLU A 167 -8.15 -5.38 22.12
C GLU A 167 -7.74 -3.99 21.71
N TRP A 168 -6.52 -3.87 21.14
CA TRP A 168 -6.05 -2.57 20.71
C TRP A 168 -6.81 -2.07 19.48
N LEU A 169 -7.13 -2.97 18.54
CA LEU A 169 -7.93 -2.63 17.36
C LEU A 169 -9.31 -2.06 17.78
N ARG A 170 -9.96 -2.69 18.77
CA ARG A 170 -11.23 -2.21 19.32
C ARG A 170 -11.09 -0.81 19.91
N ARG A 171 -10.00 -0.53 20.64
CA ARG A 171 -9.73 0.78 21.21
C ARG A 171 -9.52 1.84 20.11
N TYR A 172 -8.73 1.49 19.06
CA TYR A 172 -8.45 2.42 17.96
C TYR A 172 -9.73 2.77 17.23
N LEU A 173 -10.55 1.76 16.97
CA LEU A 173 -11.82 1.96 16.27
C LEU A 173 -12.73 2.89 17.05
N GLU A 174 -12.70 2.82 18.39
CA GLU A 174 -13.48 3.67 19.27
C GLU A 174 -12.92 5.09 19.27
N ASN A 175 -11.61 5.25 19.57
CA ASN A 175 -10.95 6.55 19.60
C ASN A 175 -10.95 7.30 18.26
N GLY A 176 -10.75 6.57 17.16
CA GLY A 176 -10.74 7.18 15.85
C GLY A 176 -12.04 6.99 15.10
N LYS A 177 -13.15 6.71 15.83
CA LYS A 177 -14.45 6.44 15.17
C LYS A 177 -14.90 7.52 14.18
N GLU A 178 -14.57 8.81 14.44
CA GLU A 178 -14.97 9.94 13.57
C GLU A 178 -14.52 9.79 12.13
N THR A 179 -13.34 9.14 11.93
CA THR A 179 -12.81 8.85 10.59
C THR A 179 -12.78 7.35 10.24
N LEU A 180 -12.29 6.50 11.16
CA LEU A 180 -12.19 5.04 10.95
C LEU A 180 -13.54 4.39 10.72
N GLN A 181 -14.62 4.89 11.36
CA GLN A 181 -15.92 4.25 11.18
C GLN A 181 -16.83 5.05 10.25
N ARG A 182 -16.25 6.00 9.52
CA ARG A 182 -16.96 6.83 8.54
C ARG A 182 -16.58 6.34 7.15
N THR A 183 -17.57 6.18 6.27
CA THR A 183 -17.29 5.83 4.88
C THR A 183 -17.34 7.14 4.05
N ASP A 184 -16.45 7.25 3.06
CA ASP A 184 -16.44 8.36 2.14
C ASP A 184 -16.83 7.76 0.80
N ALA A 185 -18.06 8.06 0.37
CA ALA A 185 -18.60 7.55 -0.89
C ALA A 185 -17.83 8.16 -2.05
N PRO A 186 -17.57 7.44 -3.14
CA PRO A 186 -16.86 8.06 -4.25
C PRO A 186 -17.65 9.19 -4.89
N LYS A 187 -16.94 10.25 -5.29
CA LYS A 187 -17.48 11.39 -6.04
C LYS A 187 -17.25 10.92 -7.46
N THR A 188 -18.33 10.63 -8.20
CA THR A 188 -18.19 10.08 -9.54
C THR A 188 -18.53 11.05 -10.64
N HIS A 189 -17.84 10.92 -11.77
CA HIS A 189 -18.17 11.70 -12.97
C HIS A 189 -17.64 11.00 -14.19
N MET A 190 -18.20 11.33 -15.35
CA MET A 190 -17.73 10.71 -16.58
C MET A 190 -17.12 11.76 -17.46
N THR A 191 -16.00 11.44 -18.12
CA THR A 191 -15.37 12.35 -19.11
C THR A 191 -15.45 11.67 -20.47
N HIS A 192 -15.35 12.46 -21.54
CA HIS A 192 -15.45 12.07 -22.98
C HIS A 192 -14.23 12.58 -23.72
N HIS A 193 -13.52 11.69 -24.44
CA HIS A 193 -12.27 12.00 -25.16
C HIS A 193 -12.29 11.40 -26.54
N ALA A 194 -12.52 12.22 -27.57
CA ALA A 194 -12.52 11.71 -28.94
C ALA A 194 -11.16 11.11 -29.32
N VAL A 195 -11.20 9.94 -29.98
CA VAL A 195 -10.01 9.20 -30.40
C VAL A 195 -9.83 9.33 -31.93
N SER A 196 -10.87 9.80 -32.62
CA SER A 196 -11.00 9.99 -34.08
C SER A 196 -12.29 10.78 -34.30
N ASP A 197 -12.74 10.98 -35.55
CA ASP A 197 -14.01 11.70 -35.76
C ASP A 197 -15.23 10.77 -35.61
N HIS A 198 -14.98 9.45 -35.42
CA HIS A 198 -16.03 8.44 -35.33
C HIS A 198 -15.97 7.55 -34.05
N GLU A 199 -14.90 7.70 -33.22
CA GLU A 199 -14.81 6.97 -31.94
C GLU A 199 -14.37 7.89 -30.79
N ALA A 200 -14.71 7.51 -29.56
CA ALA A 200 -14.39 8.28 -28.37
C ALA A 200 -14.23 7.36 -27.16
N THR A 201 -13.41 7.78 -26.21
CA THR A 201 -13.26 7.06 -24.98
C THR A 201 -14.19 7.71 -23.99
N LEU A 202 -14.92 6.90 -23.20
CA LEU A 202 -15.72 7.36 -22.07
C LEU A 202 -14.92 6.89 -20.85
N ARG A 203 -14.68 7.76 -19.87
CA ARG A 203 -13.88 7.37 -18.69
C ARG A 203 -14.74 7.73 -17.48
N CYS A 204 -14.98 6.74 -16.66
CA CYS A 204 -15.81 6.86 -15.49
C CYS A 204 -14.89 6.96 -14.31
N TRP A 205 -14.97 8.07 -13.57
CA TRP A 205 -14.08 8.35 -12.46
C TRP A 205 -14.73 8.12 -11.10
N ALA A 206 -13.94 7.64 -10.12
CA ALA A 206 -14.41 7.56 -8.73
C ALA A 206 -13.29 8.21 -7.95
N LEU A 207 -13.63 9.30 -7.28
CA LEU A 207 -12.62 10.07 -6.55
C LEU A 207 -12.97 10.23 -5.10
N SER A 208 -11.93 10.48 -4.30
CA SER A 208 -12.03 10.83 -2.88
C SER A 208 -12.82 9.83 -2.05
N PHE A 209 -12.59 8.53 -2.28
CA PHE A 209 -13.35 7.53 -1.55
C PHE A 209 -12.51 6.84 -0.49
N TYR A 210 -13.22 6.25 0.47
CA TYR A 210 -12.64 5.50 1.58
C TYR A 210 -13.71 4.54 2.17
N PRO A 211 -13.38 3.25 2.41
CA PRO A 211 -12.06 2.59 2.21
C PRO A 211 -11.74 2.37 0.73
N ALA A 212 -10.53 1.85 0.44
CA ALA A 212 -10.02 1.66 -0.93
C ALA A 212 -10.81 0.62 -1.76
N GLU A 213 -11.48 -0.35 -1.13
CA GLU A 213 -12.22 -1.35 -1.91
C GLU A 213 -13.36 -0.73 -2.69
N ILE A 214 -13.43 -1.03 -4.00
CA ILE A 214 -14.45 -0.49 -4.92
C ILE A 214 -14.55 -1.39 -6.12
N THR A 215 -15.69 -1.38 -6.82
CA THR A 215 -15.86 -2.10 -8.08
C THR A 215 -16.43 -1.12 -9.10
N LEU A 216 -15.75 -0.97 -10.24
CA LEU A 216 -16.17 -0.08 -11.33
C LEU A 216 -16.32 -0.94 -12.57
N THR A 217 -17.50 -0.97 -13.18
CA THR A 217 -17.68 -1.83 -14.36
C THR A 217 -18.49 -1.10 -15.41
N TRP A 218 -18.33 -1.52 -16.67
CA TRP A 218 -19.11 -0.96 -17.76
C TRP A 218 -20.13 -1.97 -18.22
N GLN A 219 -21.29 -1.49 -18.67
CA GLN A 219 -22.31 -2.35 -19.27
C GLN A 219 -22.66 -1.74 -20.62
N ARG A 220 -22.98 -2.59 -21.58
CA ARG A 220 -23.45 -2.14 -22.87
C ARG A 220 -24.79 -2.80 -23.01
N ASP A 221 -25.84 -1.97 -23.18
CA ASP A 221 -27.23 -2.42 -23.26
C ASP A 221 -27.59 -3.38 -22.11
N GLY A 222 -27.16 -3.02 -20.88
CA GLY A 222 -27.48 -3.80 -19.69
C GLY A 222 -26.73 -5.10 -19.47
N GLU A 223 -25.69 -5.37 -20.28
CA GLU A 223 -24.90 -6.58 -20.08
C GLU A 223 -23.44 -6.19 -19.94
N ASP A 224 -22.66 -6.95 -19.20
CA ASP A 224 -21.26 -6.61 -18.97
C ASP A 224 -20.46 -6.44 -20.26
N GLN A 225 -19.59 -5.42 -20.27
CA GLN A 225 -18.72 -5.08 -21.37
C GLN A 225 -17.29 -5.26 -20.85
N THR A 226 -16.54 -6.16 -21.44
CA THR A 226 -15.15 -6.34 -21.00
C THR A 226 -14.19 -5.95 -22.14
N GLN A 227 -14.67 -6.02 -23.42
CA GLN A 227 -13.90 -5.63 -24.59
C GLN A 227 -13.72 -4.12 -24.66
N ASP A 228 -12.52 -3.69 -25.12
CA ASP A 228 -12.13 -2.29 -25.29
C ASP A 228 -12.22 -1.47 -24.00
N THR A 229 -12.00 -2.12 -22.85
CA THR A 229 -12.05 -1.41 -21.58
C THR A 229 -10.68 -1.36 -20.93
N GLU A 230 -10.42 -0.31 -20.13
CA GLU A 230 -9.17 -0.21 -19.39
C GLU A 230 -9.53 0.18 -17.95
N LEU A 231 -9.04 -0.57 -16.96
CA LEU A 231 -9.32 -0.36 -15.53
C LEU A 231 -7.99 -0.13 -14.83
N VAL A 232 -7.79 1.06 -14.23
CA VAL A 232 -6.52 1.31 -13.58
C VAL A 232 -6.55 0.76 -12.18
N GLU A 233 -5.37 0.47 -11.62
CA GLU A 233 -5.23 0.02 -10.24
C GLU A 233 -5.67 1.17 -9.31
N THR A 234 -6.34 0.83 -8.19
CA THR A 234 -6.78 1.83 -7.20
C THR A 234 -5.55 2.53 -6.69
N ARG A 235 -5.61 3.84 -6.60
CA ARG A 235 -4.44 4.61 -6.23
C ARG A 235 -4.74 5.62 -5.12
N PRO A 236 -3.74 5.95 -4.29
CA PRO A 236 -3.98 6.90 -3.18
C PRO A 236 -4.02 8.35 -3.70
N ALA A 237 -4.97 9.16 -3.21
CA ALA A 237 -5.06 10.58 -3.59
C ALA A 237 -3.93 11.37 -2.88
N GLY A 238 -3.47 10.85 -1.73
CA GLY A 238 -2.41 11.48 -0.94
C GLY A 238 -2.96 12.21 0.30
N ASP A 239 -4.29 12.30 0.39
CA ASP A 239 -4.99 12.92 1.52
C ASP A 239 -5.74 11.89 2.37
N GLY A 240 -5.42 10.61 2.20
CA GLY A 240 -6.06 9.52 2.95
C GLY A 240 -7.18 8.83 2.18
N THR A 241 -7.59 9.42 1.04
CA THR A 241 -8.65 8.83 0.22
C THR A 241 -8.05 8.18 -1.03
N PHE A 242 -8.89 7.52 -1.83
CA PHE A 242 -8.43 6.78 -2.99
C PHE A 242 -9.15 7.20 -4.26
N GLN A 243 -8.58 6.80 -5.39
CA GLN A 243 -9.08 7.11 -6.74
C GLN A 243 -9.02 5.87 -7.62
N LYS A 244 -9.91 5.81 -8.61
CA LYS A 244 -9.91 4.76 -9.63
C LYS A 244 -10.75 5.25 -10.82
N TRP A 245 -10.40 4.78 -12.02
CA TRP A 245 -11.22 5.03 -13.18
C TRP A 245 -11.25 3.80 -14.06
N VAL A 246 -12.32 3.68 -14.88
CA VAL A 246 -12.49 2.59 -15.86
C VAL A 246 -12.92 3.30 -17.16
N ALA A 247 -12.38 2.90 -18.31
CA ALA A 247 -12.67 3.56 -19.58
C ALA A 247 -13.07 2.54 -20.63
N VAL A 248 -13.85 2.98 -21.61
CA VAL A 248 -14.24 2.12 -22.74
C VAL A 248 -14.22 2.97 -24.00
N VAL A 249 -13.79 2.41 -25.11
CA VAL A 249 -13.80 3.08 -26.41
C VAL A 249 -15.11 2.71 -27.08
N VAL A 250 -15.84 3.72 -27.57
CA VAL A 250 -17.16 3.52 -28.15
C VAL A 250 -17.28 4.25 -29.49
N PRO A 251 -18.19 3.80 -30.38
CA PRO A 251 -18.42 4.55 -31.63
C PRO A 251 -19.19 5.80 -31.28
N SER A 252 -18.77 6.94 -31.84
CA SER A 252 -19.43 8.21 -31.56
C SER A 252 -20.87 8.14 -32.00
N GLY A 253 -21.74 8.65 -31.14
CA GLY A 253 -23.19 8.65 -31.33
C GLY A 253 -23.86 7.53 -30.57
N GLN A 254 -23.08 6.52 -30.12
CA GLN A 254 -23.62 5.37 -29.39
C GLN A 254 -23.33 5.43 -27.87
N GLU A 255 -22.85 6.58 -27.37
CA GLU A 255 -22.51 6.74 -25.93
C GLU A 255 -23.59 6.33 -24.93
N GLN A 256 -24.88 6.57 -25.27
CA GLN A 256 -26.03 6.27 -24.38
C GLN A 256 -26.26 4.78 -24.08
N ARG A 257 -25.70 3.86 -24.88
CA ARG A 257 -25.79 2.41 -24.70
C ARG A 257 -24.96 1.95 -23.50
N TYR A 258 -23.97 2.77 -23.12
CA TYR A 258 -22.97 2.43 -22.12
C TYR A 258 -23.26 3.09 -20.78
N THR A 259 -23.21 2.26 -19.74
CA THR A 259 -23.46 2.73 -18.37
C THR A 259 -22.33 2.27 -17.48
N CYS A 260 -21.88 3.12 -16.58
CA CYS A 260 -20.83 2.73 -15.67
C CYS A 260 -21.48 2.47 -14.32
N HIS A 261 -21.07 1.39 -13.64
CA HIS A 261 -21.69 0.96 -12.40
C HIS A 261 -20.67 0.97 -11.30
N VAL A 262 -21.00 1.63 -10.20
CA VAL A 262 -20.05 1.87 -9.10
C VAL A 262 -20.56 1.22 -7.85
N GLN A 263 -19.75 0.35 -7.25
CA GLN A 263 -20.13 -0.32 -6.01
C GLN A 263 -19.10 0.03 -4.94
N HIS A 264 -19.57 0.55 -3.81
CA HIS A 264 -18.69 0.95 -2.70
C HIS A 264 -19.49 0.84 -1.41
N GLU A 265 -18.84 0.53 -0.29
CA GLU A 265 -19.44 0.47 1.05
C GLU A 265 -20.19 1.76 1.43
N GLY A 266 -19.70 2.90 0.97
CA GLY A 266 -20.28 4.21 1.23
C GLY A 266 -21.55 4.54 0.47
N LEU A 267 -21.96 3.67 -0.46
CA LEU A 267 -23.15 3.85 -1.30
C LEU A 267 -24.21 2.79 -0.89
N PRO A 268 -25.40 3.19 -0.37
CA PRO A 268 -26.42 2.17 0.01
C PRO A 268 -26.89 1.34 -1.18
N LYS A 269 -27.00 1.99 -2.34
CA LYS A 269 -27.37 1.35 -3.61
C LYS A 269 -26.28 1.63 -4.66
N PRO A 270 -25.85 0.61 -5.45
CA PRO A 270 -24.86 0.87 -6.51
C PRO A 270 -25.23 2.07 -7.40
N LEU A 271 -24.24 2.83 -7.83
CA LEU A 271 -24.41 4.04 -8.65
C LEU A 271 -24.33 3.69 -10.12
N THR A 272 -25.13 4.36 -10.96
CA THR A 272 -25.14 4.18 -12.42
C THR A 272 -24.90 5.54 -13.06
N LEU A 273 -23.88 5.64 -13.95
CA LEU A 273 -23.56 6.86 -14.67
C LEU A 273 -23.68 6.57 -16.16
N ARG A 274 -24.11 7.58 -16.91
CA ARG A 274 -24.26 7.51 -18.36
C ARG A 274 -23.76 8.84 -18.88
N TRP A 275 -23.18 8.87 -20.09
CA TRP A 275 -22.71 10.12 -20.67
C TRP A 275 -23.91 11.01 -21.06
N ARG B 3 10.65 -8.03 -11.39
CA ARG B 3 9.60 -7.33 -10.65
C ARG B 3 9.76 -5.82 -10.78
N THR B 4 9.34 -5.37 -11.95
CA THR B 4 9.46 -3.99 -12.42
C THR B 4 8.38 -3.08 -11.84
N PRO B 5 8.67 -1.79 -11.57
CA PRO B 5 7.61 -0.92 -11.05
C PRO B 5 6.55 -0.60 -12.08
N LYS B 6 5.30 -0.58 -11.63
CA LYS B 6 4.11 -0.17 -12.34
C LYS B 6 4.00 1.32 -11.96
N ILE B 7 3.66 2.21 -12.91
CA ILE B 7 3.69 3.65 -12.61
C ILE B 7 2.40 4.34 -13.00
N GLN B 8 1.84 5.19 -12.10
CA GLN B 8 0.69 6.05 -12.41
C GLN B 8 1.08 7.48 -12.02
N VAL B 9 0.87 8.46 -12.93
CA VAL B 9 1.18 9.88 -12.66
C VAL B 9 -0.15 10.59 -12.78
N TYR B 10 -0.50 11.34 -11.76
CA TYR B 10 -1.83 11.93 -11.70
C TYR B 10 -1.87 13.04 -10.68
N SER B 11 -2.98 13.80 -10.67
CA SER B 11 -3.18 14.89 -9.74
C SER B 11 -4.10 14.44 -8.65
N ARG B 12 -3.90 14.97 -7.43
CA ARG B 12 -4.73 14.66 -6.27
C ARG B 12 -6.19 15.11 -6.55
N HIS B 13 -6.35 16.30 -7.15
CA HIS B 13 -7.63 16.93 -7.48
C HIS B 13 -7.81 17.12 -8.98
N PRO B 14 -9.08 17.16 -9.51
CA PRO B 14 -9.26 17.41 -10.95
C PRO B 14 -8.56 18.70 -11.32
N ALA B 15 -7.69 18.63 -12.35
CA ALA B 15 -6.83 19.74 -12.72
C ALA B 15 -7.55 20.89 -13.39
N GLU B 16 -7.20 22.10 -12.95
CA GLU B 16 -7.66 23.34 -13.53
C GLU B 16 -6.45 24.21 -13.70
N ASN B 17 -6.18 24.65 -14.93
CA ASN B 17 -5.05 25.53 -15.20
C ASN B 17 -5.04 26.77 -14.30
N GLY B 18 -3.90 27.01 -13.66
CA GLY B 18 -3.74 28.12 -12.73
C GLY B 18 -4.10 27.84 -11.29
N LYS B 19 -4.72 26.67 -10.98
CA LYS B 19 -5.10 26.36 -9.60
C LYS B 19 -4.17 25.34 -8.95
N SER B 20 -3.63 25.73 -7.81
CA SER B 20 -2.71 24.90 -7.02
C SER B 20 -3.29 23.52 -6.80
N ASN B 21 -2.44 22.51 -6.86
CA ASN B 21 -2.87 21.10 -6.74
C ASN B 21 -1.66 20.28 -6.26
N PHE B 22 -1.71 18.95 -6.37
CA PHE B 22 -0.63 18.06 -5.97
C PHE B 22 -0.41 17.06 -7.07
N LEU B 23 0.84 16.90 -7.47
CA LEU B 23 1.25 15.98 -8.52
C LEU B 23 1.72 14.73 -7.81
N ASN B 24 1.18 13.59 -8.18
CA ASN B 24 1.48 12.27 -7.61
C ASN B 24 2.13 11.33 -8.58
N CYS B 25 3.09 10.56 -8.08
CA CYS B 25 3.65 9.46 -8.83
C CYS B 25 3.57 8.25 -7.96
N TYR B 26 2.67 7.33 -8.30
CA TYR B 26 2.44 6.12 -7.52
C TYR B 26 3.22 5.02 -8.17
N VAL B 27 4.20 4.48 -7.45
CA VAL B 27 5.01 3.35 -7.96
C VAL B 27 4.63 2.10 -7.18
N SER B 28 4.36 0.99 -7.85
CA SER B 28 3.93 -0.23 -7.16
C SER B 28 4.40 -1.49 -7.88
N GLY B 29 4.21 -2.66 -7.27
CA GLY B 29 4.58 -3.94 -7.88
C GLY B 29 6.06 -4.20 -8.06
N PHE B 30 6.90 -3.46 -7.34
CA PHE B 30 8.33 -3.64 -7.56
C PHE B 30 9.06 -4.36 -6.42
N HIS B 31 10.20 -4.98 -6.76
CA HIS B 31 11.07 -5.64 -5.79
C HIS B 31 12.47 -5.72 -6.42
N PRO B 32 13.57 -5.35 -5.73
CA PRO B 32 13.70 -4.89 -4.33
C PRO B 32 13.17 -3.47 -4.09
N SER B 33 13.27 -2.98 -2.85
CA SER B 33 12.68 -1.67 -2.49
C SER B 33 13.45 -0.44 -2.95
N ASP B 34 14.73 -0.62 -3.27
CA ASP B 34 15.59 0.48 -3.72
C ASP B 34 15.03 0.98 -5.07
N ILE B 35 14.69 2.28 -5.13
CA ILE B 35 14.07 2.87 -6.34
C ILE B 35 14.37 4.36 -6.40
N GLU B 36 14.51 4.90 -7.62
CA GLU B 36 14.79 6.32 -7.85
C GLU B 36 13.55 6.90 -8.52
N VAL B 37 12.91 7.87 -7.85
CA VAL B 37 11.70 8.49 -8.38
C VAL B 37 11.86 9.99 -8.34
N ASP B 38 11.70 10.64 -9.49
CA ASP B 38 11.78 12.09 -9.59
C ASP B 38 10.52 12.59 -10.24
N LEU B 39 10.07 13.77 -9.83
CA LEU B 39 8.95 14.43 -10.50
C LEU B 39 9.63 15.52 -11.33
N LEU B 40 9.16 15.67 -12.58
CA LEU B 40 9.75 16.62 -13.51
C LEU B 40 8.80 17.71 -13.94
N LYS B 41 9.36 18.92 -14.11
CA LYS B 41 8.67 20.06 -14.66
C LYS B 41 9.54 20.46 -15.85
N ASN B 42 8.99 20.33 -17.07
CA ASN B 42 9.65 20.65 -18.34
C ASN B 42 11.01 19.99 -18.48
N GLY B 43 11.05 18.70 -18.12
CA GLY B 43 12.22 17.84 -18.19
C GLY B 43 13.20 17.97 -17.03
N GLU B 44 12.93 18.86 -16.07
CA GLU B 44 13.80 19.11 -14.92
C GLU B 44 13.23 18.66 -13.59
N ARG B 45 14.12 18.10 -12.74
CA ARG B 45 13.78 17.59 -11.42
C ARG B 45 13.27 18.68 -10.47
N ILE B 46 12.08 18.43 -9.88
CA ILE B 46 11.44 19.27 -8.88
C ILE B 46 12.12 18.89 -7.57
N GLU B 47 12.59 19.90 -6.79
CA GLU B 47 13.35 19.72 -5.54
C GLU B 47 12.55 19.29 -4.30
N LYS B 48 11.38 19.92 -4.05
CA LYS B 48 10.57 19.68 -2.84
C LYS B 48 9.62 18.45 -2.95
N VAL B 49 10.18 17.25 -3.20
CA VAL B 49 9.37 16.03 -3.39
C VAL B 49 9.44 15.16 -2.15
N GLU B 50 8.26 14.77 -1.64
CA GLU B 50 8.17 13.93 -0.44
C GLU B 50 7.62 12.57 -0.87
N HIS B 51 7.76 11.56 -0.02
CA HIS B 51 7.20 10.25 -0.32
C HIS B 51 6.62 9.58 0.91
N SER B 52 5.71 8.64 0.65
CA SER B 52 5.07 7.84 1.68
C SER B 52 6.06 6.86 2.34
N ASP B 53 5.67 6.29 3.49
CA ASP B 53 6.48 5.32 4.22
C ASP B 53 6.36 3.98 3.48
N LEU B 54 7.50 3.34 3.16
CA LEU B 54 7.55 2.06 2.43
C LEU B 54 6.57 1.02 3.01
N SER B 55 5.74 0.45 2.13
CA SER B 55 4.80 -0.63 2.49
C SER B 55 4.74 -1.62 1.34
N PHE B 56 3.97 -2.70 1.48
CA PHE B 56 3.96 -3.73 0.43
C PHE B 56 2.62 -4.45 0.44
N SER B 57 2.29 -5.11 -0.69
CA SER B 57 1.08 -5.89 -0.96
C SER B 57 1.29 -7.35 -0.55
N LYS B 58 0.22 -8.18 -0.70
CA LYS B 58 0.20 -9.59 -0.33
C LYS B 58 1.31 -10.41 -1.00
N ASP B 59 1.63 -10.09 -2.27
CA ASP B 59 2.66 -10.77 -3.04
C ASP B 59 4.08 -10.27 -2.72
N TRP B 60 4.20 -9.40 -1.70
CA TRP B 60 5.46 -8.84 -1.18
C TRP B 60 6.02 -7.66 -2.00
N SER B 61 5.35 -7.28 -3.08
CA SER B 61 5.84 -6.19 -3.92
C SER B 61 5.60 -4.84 -3.21
N PHE B 62 6.57 -3.94 -3.33
CA PHE B 62 6.53 -2.66 -2.65
C PHE B 62 5.70 -1.63 -3.36
N TYR B 63 5.26 -0.60 -2.61
CA TYR B 63 4.59 0.57 -3.21
C TYR B 63 4.95 1.82 -2.44
N LEU B 64 5.02 2.93 -3.16
CA LEU B 64 5.34 4.24 -2.60
C LEU B 64 4.61 5.31 -3.38
N LEU B 65 4.22 6.39 -2.70
CA LEU B 65 3.65 7.53 -3.37
C LEU B 65 4.65 8.66 -3.23
N TYR B 66 5.02 9.28 -4.34
CA TYR B 66 5.90 10.45 -4.35
C TYR B 66 5.00 11.59 -4.72
N TYR B 67 5.19 12.75 -4.10
CA TYR B 67 4.28 13.85 -4.40
C TYR B 67 4.90 15.18 -4.13
N THR B 68 4.36 16.20 -4.81
CA THR B 68 4.76 17.59 -4.61
C THR B 68 3.60 18.49 -4.98
N GLU B 69 3.60 19.74 -4.48
CA GLU B 69 2.58 20.71 -4.88
C GLU B 69 2.94 21.14 -6.30
N PHE B 70 1.95 21.53 -7.12
CA PHE B 70 2.20 22.03 -8.46
C PHE B 70 1.00 22.78 -8.94
N THR B 71 1.19 23.59 -9.97
CA THR B 71 0.08 24.33 -10.58
C THR B 71 0.02 23.89 -12.05
N PRO B 72 -1.02 23.13 -12.48
CA PRO B 72 -1.09 22.79 -13.91
C PRO B 72 -1.26 24.08 -14.72
N THR B 73 -0.73 24.12 -15.95
CA THR B 73 -0.87 25.30 -16.84
C THR B 73 -1.04 24.78 -18.27
N GLU B 74 -1.32 25.68 -19.22
CA GLU B 74 -1.44 25.31 -20.64
C GLU B 74 -0.12 24.84 -21.22
N LYS B 75 1.01 25.45 -20.81
CA LYS B 75 2.30 25.17 -21.43
C LYS B 75 3.23 24.20 -20.70
N ASP B 76 3.20 24.19 -19.37
CA ASP B 76 4.11 23.34 -18.59
C ASP B 76 3.82 21.86 -18.74
N GLU B 77 4.87 21.06 -18.94
CA GLU B 77 4.76 19.60 -19.09
C GLU B 77 5.26 18.97 -17.81
N TYR B 78 4.47 18.06 -17.23
CA TYR B 78 4.89 17.37 -16.00
C TYR B 78 5.08 15.92 -16.28
N ALA B 79 5.96 15.26 -15.50
CA ALA B 79 6.21 13.85 -15.71
C ALA B 79 6.80 13.20 -14.49
N CYS B 80 6.86 11.88 -14.48
CA CYS B 80 7.54 11.15 -13.42
C CYS B 80 8.66 10.34 -14.07
N ARG B 81 9.85 10.33 -13.46
CA ARG B 81 10.98 9.56 -13.99
C ARG B 81 11.37 8.51 -12.97
N VAL B 82 11.36 7.24 -13.37
CA VAL B 82 11.64 6.11 -12.50
C VAL B 82 12.82 5.25 -12.95
N ASN B 83 13.73 4.99 -12.03
CA ASN B 83 14.80 4.04 -12.30
C ASN B 83 14.77 2.98 -11.22
N HIS B 84 15.06 1.75 -11.60
CA HIS B 84 15.07 0.59 -10.70
C HIS B 84 15.98 -0.48 -11.34
N VAL B 85 16.53 -1.39 -10.51
CA VAL B 85 17.43 -2.47 -10.97
C VAL B 85 16.81 -3.30 -12.13
N THR B 86 15.48 -3.52 -12.15
CA THR B 86 14.79 -4.26 -13.23
C THR B 86 14.64 -3.47 -14.56
N LEU B 87 15.01 -2.18 -14.55
CA LEU B 87 14.92 -1.30 -15.72
C LEU B 87 16.31 -0.99 -16.31
N SER B 88 16.48 -1.15 -17.65
CA SER B 88 17.72 -0.86 -18.38
C SER B 88 18.02 0.62 -18.39
N GLN B 89 16.98 1.44 -18.64
CA GLN B 89 17.09 2.90 -18.71
C GLN B 89 15.97 3.52 -17.87
N PRO B 90 16.03 4.81 -17.48
CA PRO B 90 14.92 5.38 -16.69
C PRO B 90 13.63 5.41 -17.49
N LYS B 91 12.50 5.15 -16.81
CA LYS B 91 11.17 5.14 -17.43
C LYS B 91 10.51 6.49 -17.13
N ILE B 92 10.12 7.21 -18.19
CA ILE B 92 9.45 8.50 -18.03
C ILE B 92 7.97 8.37 -18.40
N VAL B 93 7.09 8.76 -17.48
CA VAL B 93 5.66 8.72 -17.76
C VAL B 93 5.17 10.17 -17.65
N LYS B 94 4.58 10.70 -18.73
CA LYS B 94 4.06 12.07 -18.76
C LYS B 94 2.74 12.15 -18.04
N TRP B 95 2.52 13.26 -17.32
CA TRP B 95 1.25 13.52 -16.67
C TRP B 95 0.24 13.99 -17.75
N ASP B 96 -0.92 13.36 -17.79
CA ASP B 96 -2.01 13.74 -18.70
C ASP B 96 -3.22 13.94 -17.78
N ARG B 97 -3.78 15.17 -17.70
CA ARG B 97 -4.93 15.49 -16.82
C ARG B 97 -6.18 14.62 -17.03
N ASP B 98 -6.26 13.92 -18.19
CA ASP B 98 -7.39 13.06 -18.56
C ASP B 98 -7.29 11.65 -17.94
N MET B 99 -6.18 11.35 -17.23
CA MET B 99 -5.90 10.03 -16.64
C MET B 99 -5.40 10.07 -15.18
N ASP C 1 -1.08 -1.81 18.59
CA ASP C 1 0.02 -2.09 19.52
C ASP C 1 0.89 -3.20 18.91
N ALA C 2 2.13 -2.86 18.57
CA ALA C 2 3.06 -3.77 17.90
C ALA C 2 3.61 -4.85 18.82
N THR C 3 4.26 -5.87 18.24
CA THR C 3 4.87 -6.93 19.04
C THR C 3 6.29 -7.28 18.50
N ALA C 9 9.73 -11.29 19.45
CA ALA C 9 9.64 -12.34 18.44
C ALA C 9 11.02 -12.95 18.15
N LEU C 10 11.13 -14.28 18.35
CA LEU C 10 12.31 -15.16 18.21
C LEU C 10 13.06 -15.04 16.86
N VAL C 11 14.38 -15.32 16.90
CA VAL C 11 15.27 -15.35 15.74
C VAL C 11 14.87 -16.50 14.79
N ARG C 12 15.06 -16.29 13.47
CA ARG C 12 14.81 -17.32 12.45
C ARG C 12 15.95 -18.37 12.46
I IOD D . -17.58 -1.17 11.43
MG MG E . -24.15 14.64 -22.69
S SO4 F . -9.07 -2.11 2.14
O1 SO4 F . -8.97 -2.06 3.60
O2 SO4 F . -9.49 -3.52 1.77
O3 SO4 F . -10.26 -1.32 1.60
O4 SO4 F . -7.86 -1.97 1.35
S SO4 G . -5.99 -0.61 27.36
O1 SO4 G . -6.72 -0.99 28.59
O2 SO4 G . -5.60 -1.82 26.63
O3 SO4 G . -6.85 0.20 26.53
O4 SO4 G . -4.80 0.16 27.73
MG MG H . -2.37 28.56 -17.72
MG MG I . -2.37 -6.53 -1.07
#